data_8Q58
#
_entry.id   8Q58
#
_cell.length_a   60.332
_cell.length_b   88.490
_cell.length_c   126.805
_cell.angle_alpha   90.00
_cell.angle_beta   90.00
_cell.angle_gamma   90.00
#
_symmetry.space_group_name_H-M   'I 2 2 2'
#
loop_
_entity.id
_entity.type
_entity.pdbx_description
1 polymer 'Ketose-bisphosphate aldolase'
2 non-polymer 'ZINC ION'
3 water water
#
_entity_poly.entity_id   1
_entity_poly.type   'polypeptide(L)'
_entity_poly.pdbx_seq_one_letter_code
;MGSSHHHHHHSSGLVPRGSHMPYVSGKTMIQQAWKHGYAIGAFSAHNAETVRAILLAAQEEQSPVMIQVGQKVISVMGLK
PMKEIIDAFMHDITVPVCIHLDHSRSFEQTMQAIQCGFQSVMFDGSHLSFEENVRITRAASEVAHALNIGMEGEIGKIGG
TEDDISVDEKDALITSCDEALRFSEGTDVDYLAVSIGTAHGVYKQEPKLAFGRLQEIREIVKKPIVLHGGSGVPDDQIRQ
AIALGVAKVNVDTELRQAFTQGLCEVLTNDPEEYALAVSLGHGRDVMKEKVIEKIRLFGSNGKALQF
;
_entity_poly.pdbx_strand_id   A
#
# COMPACT_ATOMS: atom_id res chain seq x y z
N MET A 21 6.59 -17.71 3.59
CA MET A 21 7.93 -17.25 3.10
C MET A 21 8.50 -16.34 4.20
N PRO A 22 9.38 -15.33 3.95
CA PRO A 22 9.45 -14.15 4.83
C PRO A 22 8.28 -13.19 4.58
N TYR A 23 7.10 -13.79 4.30
CA TYR A 23 5.86 -13.02 4.30
C TYR A 23 5.44 -12.77 5.74
N VAL A 24 4.98 -11.55 6.00
CA VAL A 24 4.56 -11.12 7.33
C VAL A 24 3.17 -10.49 7.24
N SER A 25 2.34 -10.75 8.24
CA SER A 25 1.04 -10.10 8.36
C SER A 25 1.14 -8.58 8.24
N GLY A 26 0.21 -7.99 7.49
CA GLY A 26 0.13 -6.53 7.43
C GLY A 26 -0.20 -5.91 8.79
N LYS A 27 -0.97 -6.59 9.62
CA LYS A 27 -1.29 -6.05 10.95
C LYS A 27 0.03 -5.81 11.72
N THR A 28 0.87 -6.85 11.74
CA THR A 28 2.17 -6.78 12.41
C THR A 28 3.08 -5.68 11.83
N MET A 29 3.16 -5.62 10.50
CA MET A 29 4.10 -4.79 9.85
C MET A 29 3.70 -3.32 10.05
N ILE A 30 2.43 -3.00 9.84
CA ILE A 30 2.01 -1.60 9.94
C ILE A 30 2.06 -1.10 11.39
N GLN A 31 1.67 -1.96 12.33
CA GLN A 31 1.62 -1.57 13.73
CA GLN A 31 1.62 -1.57 13.73
C GLN A 31 3.03 -1.29 14.19
N GLN A 32 3.99 -2.12 13.76
CA GLN A 32 5.40 -1.89 14.07
C GLN A 32 5.91 -0.54 13.54
N ALA A 33 5.62 -0.23 12.27
CA ALA A 33 6.04 1.03 11.68
C ALA A 33 5.42 2.19 12.49
N TRP A 34 4.13 2.08 12.80
CA TRP A 34 3.43 3.14 13.52
C TRP A 34 4.04 3.38 14.92
N LYS A 35 4.32 2.28 15.64
CA LYS A 35 4.96 2.28 16.96
C LYS A 35 6.32 2.98 16.94
N HIS A 36 7.07 2.88 15.84
CA HIS A 36 8.46 3.29 15.74
C HIS A 36 8.62 4.53 14.87
N GLY A 37 7.52 5.12 14.41
CA GLY A 37 7.65 6.43 13.79
C GLY A 37 8.16 6.42 12.36
N TYR A 38 7.85 5.34 11.58
CA TYR A 38 8.17 5.34 10.18
C TYR A 38 6.95 4.78 9.44
N ALA A 39 7.02 4.74 8.11
CA ALA A 39 5.92 4.15 7.36
C ALA A 39 6.44 3.02 6.46
N ILE A 40 5.47 2.20 6.05
CA ILE A 40 5.69 1.13 5.09
C ILE A 40 5.21 1.69 3.76
N GLY A 41 6.07 1.60 2.75
CA GLY A 41 5.68 1.88 1.39
C GLY A 41 4.86 0.71 0.83
N ALA A 42 3.72 1.04 0.25
CA ALA A 42 2.84 0.07 -0.36
C ALA A 42 2.89 0.29 -1.85
N PHE A 43 3.73 -0.52 -2.50
CA PHE A 43 4.13 -0.27 -3.87
C PHE A 43 3.33 -1.13 -4.83
N SER A 44 2.57 -0.48 -5.69
CA SER A 44 1.72 -1.19 -6.64
C SER A 44 2.56 -1.87 -7.73
N ALA A 45 2.32 -3.18 -7.95
CA ALA A 45 3.02 -3.94 -8.98
C ALA A 45 2.06 -4.28 -10.12
N HIS A 46 2.62 -4.42 -11.33
CA HIS A 46 1.81 -4.59 -12.54
C HIS A 46 2.28 -5.74 -13.42
N ASN A 47 3.48 -6.28 -13.14
CA ASN A 47 4.03 -7.38 -13.93
C ASN A 47 5.30 -7.91 -13.30
N ALA A 48 6.06 -8.70 -14.08
CA ALA A 48 7.24 -9.35 -13.52
C ALA A 48 8.34 -8.36 -13.14
N GLU A 49 8.71 -7.47 -14.08
CA GLU A 49 9.79 -6.53 -13.84
C GLU A 49 9.43 -5.61 -12.67
N THR A 50 8.16 -5.21 -12.59
CA THR A 50 7.79 -4.23 -11.54
C THR A 50 7.80 -4.89 -10.17
N VAL A 51 7.29 -6.14 -10.05
CA VAL A 51 7.42 -6.87 -8.81
C VAL A 51 8.88 -6.94 -8.38
N ARG A 52 9.75 -7.36 -9.31
CA ARG A 52 11.13 -7.57 -8.98
C ARG A 52 11.82 -6.26 -8.54
N ALA A 53 11.55 -5.16 -9.22
CA ALA A 53 12.09 -3.83 -8.89
C ALA A 53 11.79 -3.51 -7.43
N ILE A 54 10.54 -3.76 -6.97
CA ILE A 54 10.17 -3.48 -5.59
C ILE A 54 10.92 -4.36 -4.62
N LEU A 55 10.98 -5.68 -4.89
CA LEU A 55 11.60 -6.60 -3.98
C LEU A 55 13.11 -6.31 -3.89
N LEU A 56 13.76 -5.99 -5.02
CA LEU A 56 15.19 -5.80 -5.01
C LEU A 56 15.49 -4.51 -4.25
N ALA A 57 14.63 -3.50 -4.48
CA ALA A 57 14.75 -2.24 -3.73
C ALA A 57 14.70 -2.52 -2.25
N ALA A 58 13.72 -3.32 -1.80
CA ALA A 58 13.54 -3.56 -0.37
C ALA A 58 14.71 -4.32 0.23
N GLN A 59 15.18 -5.35 -0.51
CA GLN A 59 16.31 -6.14 -0.07
C GLN A 59 17.58 -5.28 0.05
N GLU A 60 17.87 -4.45 -0.93
CA GLU A 60 19.06 -3.62 -0.89
C GLU A 60 18.97 -2.66 0.30
N GLU A 61 17.77 -2.14 0.58
CA GLU A 61 17.63 -1.11 1.62
C GLU A 61 17.40 -1.75 2.97
N GLN A 62 17.36 -3.08 3.04
CA GLN A 62 17.01 -3.80 4.25
C GLN A 62 15.74 -3.21 4.87
N SER A 63 14.68 -3.13 4.04
CA SER A 63 13.41 -2.48 4.41
C SER A 63 12.26 -3.50 4.38
N PRO A 64 11.36 -3.48 5.37
CA PRO A 64 10.01 -4.08 5.21
C PRO A 64 9.29 -3.39 4.08
N VAL A 65 8.37 -4.11 3.41
CA VAL A 65 7.72 -3.51 2.26
C VAL A 65 6.37 -4.21 2.08
N MET A 66 5.41 -3.43 1.59
CA MET A 66 4.18 -3.98 1.03
C MET A 66 4.21 -3.91 -0.49
N ILE A 67 3.74 -4.99 -1.13
CA ILE A 67 3.48 -5.01 -2.55
C ILE A 67 1.99 -5.04 -2.76
N GLN A 68 1.47 -4.04 -3.48
CA GLN A 68 0.04 -3.94 -3.66
C GLN A 68 -0.33 -4.56 -4.99
N VAL A 69 -1.42 -5.34 -4.94
CA VAL A 69 -2.16 -5.84 -6.10
C VAL A 69 -3.50 -5.10 -6.16
N GLY A 70 -3.59 -4.16 -7.10
CA GLY A 70 -4.76 -3.30 -7.17
C GLY A 70 -5.66 -3.66 -8.35
N GLN A 71 -6.67 -2.79 -8.55
CA GLN A 71 -7.76 -3.13 -9.44
C GLN A 71 -7.33 -3.17 -10.92
N LYS A 72 -6.47 -2.25 -11.32
CA LYS A 72 -5.98 -2.24 -12.71
C LYS A 72 -5.25 -3.56 -13.03
N VAL A 73 -4.23 -3.94 -12.21
CA VAL A 73 -3.49 -5.17 -12.53
C VAL A 73 -4.40 -6.39 -12.46
N ILE A 74 -5.37 -6.40 -11.54
CA ILE A 74 -6.28 -7.52 -11.47
C ILE A 74 -7.05 -7.67 -12.80
N SER A 75 -7.45 -6.55 -13.43
CA SER A 75 -8.20 -6.61 -14.70
C SER A 75 -7.29 -7.09 -15.85
N VAL A 76 -5.98 -6.92 -15.75
CA VAL A 76 -5.05 -7.24 -16.82
C VAL A 76 -4.49 -8.64 -16.62
N MET A 77 -3.91 -8.91 -15.45
CA MET A 77 -3.11 -10.11 -15.19
C MET A 77 -3.91 -11.17 -14.40
N GLY A 78 -4.88 -10.72 -13.58
CA GLY A 78 -5.61 -11.59 -12.64
C GLY A 78 -5.01 -11.48 -11.22
N LEU A 79 -5.85 -11.66 -10.21
CA LEU A 79 -5.43 -11.59 -8.83
CA LEU A 79 -5.48 -11.63 -8.80
C LEU A 79 -4.50 -12.76 -8.44
N LYS A 80 -4.94 -13.98 -8.69
CA LYS A 80 -4.17 -15.15 -8.29
C LYS A 80 -2.88 -15.24 -9.11
N PRO A 81 -2.87 -14.98 -10.43
CA PRO A 81 -1.59 -14.93 -11.15
C PRO A 81 -0.61 -13.92 -10.60
N MET A 82 -1.06 -12.74 -10.14
CA MET A 82 -0.10 -11.79 -9.59
C MET A 82 0.49 -12.27 -8.29
N LYS A 83 -0.36 -12.87 -7.45
CA LYS A 83 0.12 -13.48 -6.22
C LYS A 83 1.24 -14.46 -6.53
N GLU A 84 1.04 -15.29 -7.57
CA GLU A 84 1.97 -16.35 -7.91
C GLU A 84 3.25 -15.81 -8.53
N ILE A 85 3.16 -14.67 -9.21
CA ILE A 85 4.34 -14.00 -9.71
C ILE A 85 5.19 -13.42 -8.59
N ILE A 86 4.52 -12.77 -7.60
CA ILE A 86 5.25 -12.35 -6.41
C ILE A 86 5.94 -13.54 -5.73
N ASP A 87 5.22 -14.65 -5.51
CA ASP A 87 5.85 -15.82 -4.92
C ASP A 87 7.10 -16.29 -5.68
N ALA A 88 7.03 -16.27 -7.01
CA ALA A 88 8.14 -16.68 -7.88
C ALA A 88 9.40 -15.85 -7.63
N PHE A 89 9.26 -14.55 -7.25
CA PHE A 89 10.43 -13.67 -7.12
C PHE A 89 10.92 -13.52 -5.69
N MET A 90 10.37 -14.25 -4.74
CA MET A 90 10.72 -14.20 -3.33
C MET A 90 11.89 -15.13 -3.00
N HIS A 91 12.42 -15.85 -4.00
CA HIS A 91 13.34 -16.97 -3.77
C HIS A 91 14.58 -16.50 -2.99
N ASP A 92 15.07 -15.28 -3.27
CA ASP A 92 16.29 -14.80 -2.66
C ASP A 92 16.02 -13.58 -1.75
N ILE A 93 14.77 -13.43 -1.28
CA ILE A 93 14.41 -12.23 -0.52
C ILE A 93 14.30 -12.58 0.95
N THR A 94 14.96 -11.83 1.83
CA THR A 94 14.92 -12.16 3.26
C THR A 94 14.25 -11.05 4.10
N VAL A 95 14.00 -9.89 3.52
CA VAL A 95 13.31 -8.81 4.24
C VAL A 95 11.81 -9.08 4.35
N PRO A 96 11.13 -8.48 5.35
CA PRO A 96 9.68 -8.67 5.55
C PRO A 96 8.88 -8.12 4.38
N VAL A 97 8.05 -9.00 3.79
CA VAL A 97 7.19 -8.67 2.66
C VAL A 97 5.74 -9.03 2.98
N CYS A 98 4.82 -8.10 2.62
CA CYS A 98 3.40 -8.29 2.83
C CYS A 98 2.71 -7.97 1.52
N ILE A 99 1.95 -8.93 1.01
CA ILE A 99 1.16 -8.72 -0.20
C ILE A 99 -0.23 -8.22 0.20
N HIS A 100 -0.60 -7.07 -0.39
CA HIS A 100 -1.81 -6.35 0.01
C HIS A 100 -2.78 -6.15 -1.18
N LEU A 101 -4.04 -6.45 -0.96
CA LEU A 101 -5.10 -6.18 -1.95
C LEU A 101 -5.53 -4.72 -1.79
N ASP A 102 -5.41 -3.94 -2.89
CA ASP A 102 -5.68 -2.51 -2.88
C ASP A 102 -7.05 -2.16 -3.48
N HIS A 103 -7.82 -1.37 -2.74
CA HIS A 103 -9.06 -0.74 -3.18
CA HIS A 103 -9.04 -0.73 -3.21
C HIS A 103 -10.04 -1.76 -3.74
N SER A 104 -10.23 -2.90 -3.02
CA SER A 104 -11.28 -3.80 -3.42
C SER A 104 -12.63 -3.14 -3.15
N ARG A 105 -13.57 -3.29 -4.10
CA ARG A 105 -14.93 -2.84 -3.87
C ARG A 105 -15.89 -4.03 -3.86
N SER A 106 -15.34 -5.24 -3.72
CA SER A 106 -16.12 -6.46 -3.81
C SER A 106 -15.77 -7.34 -2.60
N PHE A 107 -16.78 -7.72 -1.82
CA PHE A 107 -16.55 -8.74 -0.77
C PHE A 107 -15.97 -10.02 -1.36
N GLU A 108 -16.51 -10.48 -2.50
CA GLU A 108 -16.03 -11.66 -3.17
C GLU A 108 -14.54 -11.60 -3.53
N GLN A 109 -14.10 -10.48 -4.16
CA GLN A 109 -12.71 -10.29 -4.50
C GLN A 109 -11.81 -10.33 -3.25
N THR A 110 -12.26 -9.65 -2.22
CA THR A 110 -11.52 -9.62 -0.93
C THR A 110 -11.38 -11.07 -0.41
N MET A 111 -12.45 -11.85 -0.48
CA MET A 111 -12.37 -13.25 -0.05
C MET A 111 -11.40 -14.04 -0.93
N GLN A 112 -11.35 -13.79 -2.26
CA GLN A 112 -10.40 -14.46 -3.11
C GLN A 112 -8.95 -14.18 -2.70
N ALA A 113 -8.63 -12.94 -2.34
CA ALA A 113 -7.31 -12.55 -1.92
C ALA A 113 -6.95 -13.27 -0.61
N ILE A 114 -7.90 -13.33 0.29
CA ILE A 114 -7.70 -14.07 1.55
C ILE A 114 -7.41 -15.54 1.25
N GLN A 115 -8.21 -16.13 0.36
CA GLN A 115 -8.04 -17.53 0.07
C GLN A 115 -6.68 -17.85 -0.55
N CYS A 116 -6.15 -16.99 -1.44
CA CYS A 116 -4.85 -17.33 -2.03
CA CYS A 116 -4.85 -17.10 -2.10
C CYS A 116 -3.66 -16.84 -1.19
N GLY A 117 -3.93 -16.39 0.03
CA GLY A 117 -2.86 -16.18 1.01
C GLY A 117 -2.22 -14.78 1.04
N PHE A 118 -2.98 -13.76 0.67
CA PHE A 118 -2.53 -12.39 0.90
C PHE A 118 -2.33 -12.17 2.40
N GLN A 119 -1.42 -11.23 2.73
CA GLN A 119 -1.16 -10.91 4.15
C GLN A 119 -1.84 -9.60 4.62
N SER A 120 -2.51 -8.91 3.72
CA SER A 120 -3.27 -7.69 4.02
C SER A 120 -4.33 -7.48 2.92
N VAL A 121 -5.52 -7.04 3.28
CA VAL A 121 -6.55 -6.69 2.31
C VAL A 121 -7.17 -5.34 2.70
N MET A 122 -7.68 -4.63 1.68
CA MET A 122 -8.45 -3.42 1.83
C MET A 122 -9.79 -3.65 1.14
N PHE A 123 -10.88 -3.51 1.92
CA PHE A 123 -12.22 -3.31 1.35
C PHE A 123 -12.53 -1.81 1.46
N ASP A 124 -12.71 -1.19 0.28
CA ASP A 124 -13.04 0.21 0.17
C ASP A 124 -14.54 0.34 -0.02
N GLY A 125 -15.23 0.67 1.08
CA GLY A 125 -16.67 0.88 1.04
C GLY A 125 -17.05 2.38 1.06
N SER A 126 -16.10 3.25 0.74
CA SER A 126 -16.27 4.70 0.88
C SER A 126 -17.30 5.28 -0.09
N HIS A 127 -17.65 4.51 -1.12
CA HIS A 127 -18.76 4.78 -2.05
C HIS A 127 -20.13 4.34 -1.53
N LEU A 128 -20.21 3.71 -0.35
CA LEU A 128 -21.44 3.19 0.19
C LEU A 128 -21.89 4.10 1.33
N SER A 129 -23.13 3.88 1.80
CA SER A 129 -23.59 4.55 3.02
C SER A 129 -22.65 4.18 4.18
N PHE A 130 -22.64 5.02 5.21
CA PHE A 130 -21.84 4.73 6.40
C PHE A 130 -22.18 3.35 6.96
N GLU A 131 -23.50 3.06 7.13
CA GLU A 131 -23.95 1.80 7.72
C GLU A 131 -23.48 0.61 6.87
N GLU A 132 -23.56 0.70 5.52
CA GLU A 132 -23.20 -0.40 4.65
CA GLU A 132 -23.21 -0.40 4.62
C GLU A 132 -21.68 -0.54 4.52
N ASN A 133 -20.95 0.57 4.42
CA ASN A 133 -19.49 0.54 4.50
C ASN A 133 -19.09 -0.23 5.78
N VAL A 134 -19.65 0.17 6.91
CA VAL A 134 -19.28 -0.48 8.16
C VAL A 134 -19.62 -1.96 8.11
N ARG A 135 -20.83 -2.29 7.62
CA ARG A 135 -21.29 -3.67 7.67
C ARG A 135 -20.41 -4.59 6.81
N ILE A 136 -20.08 -4.20 5.57
CA ILE A 136 -19.26 -5.04 4.72
C ILE A 136 -17.79 -5.04 5.15
N THR A 137 -17.27 -3.88 5.51
CA THR A 137 -15.88 -3.81 5.96
C THR A 137 -15.72 -4.70 7.20
N ARG A 138 -16.65 -4.60 8.13
CA ARG A 138 -16.64 -5.41 9.33
C ARG A 138 -16.67 -6.88 9.00
N ALA A 139 -17.53 -7.29 8.04
CA ALA A 139 -17.58 -8.70 7.71
C ALA A 139 -16.26 -9.23 7.12
N ALA A 140 -15.63 -8.42 6.25
CA ALA A 140 -14.32 -8.75 5.73
C ALA A 140 -13.28 -8.77 6.86
N SER A 141 -13.33 -7.77 7.76
CA SER A 141 -12.41 -7.68 8.89
C SER A 141 -12.48 -8.93 9.78
N GLU A 142 -13.67 -9.50 9.98
CA GLU A 142 -13.79 -10.70 10.83
C GLU A 142 -13.04 -11.87 10.15
N VAL A 143 -13.13 -12.02 8.81
CA VAL A 143 -12.44 -13.09 8.11
C VAL A 143 -10.93 -12.89 8.18
N ALA A 144 -10.46 -11.66 7.90
CA ALA A 144 -9.04 -11.36 7.92
C ALA A 144 -8.49 -11.67 9.31
N HIS A 145 -9.20 -11.24 10.33
CA HIS A 145 -8.67 -11.38 11.70
C HIS A 145 -8.65 -12.85 12.12
N ALA A 146 -9.57 -13.64 11.60
CA ALA A 146 -9.55 -15.09 11.84
C ALA A 146 -8.28 -15.73 11.29
N LEU A 147 -7.61 -15.16 10.29
CA LEU A 147 -6.51 -15.79 9.58
C LEU A 147 -5.23 -14.97 9.67
N ASN A 148 -5.19 -14.03 10.64
CA ASN A 148 -3.97 -13.25 10.90
C ASN A 148 -3.55 -12.36 9.72
N ILE A 149 -4.56 -11.83 9.00
CA ILE A 149 -4.35 -10.98 7.83
C ILE A 149 -4.68 -9.53 8.25
N GLY A 150 -3.85 -8.56 7.84
CA GLY A 150 -4.13 -7.15 8.07
C GLY A 150 -5.35 -6.64 7.31
N MET A 151 -6.10 -5.70 7.90
CA MET A 151 -7.33 -5.18 7.33
C MET A 151 -7.27 -3.67 7.28
N GLU A 152 -7.48 -3.14 6.06
CA GLU A 152 -7.63 -1.71 5.82
C GLU A 152 -9.05 -1.39 5.36
N GLY A 153 -9.56 -0.21 5.78
CA GLY A 153 -10.84 0.32 5.34
C GLY A 153 -10.68 1.80 5.06
N GLU A 154 -11.69 2.41 4.47
CA GLU A 154 -11.62 3.82 4.14
C GLU A 154 -12.97 4.49 4.42
N ILE A 155 -12.90 5.74 4.92
CA ILE A 155 -14.08 6.59 5.10
C ILE A 155 -13.74 7.94 4.49
N GLY A 156 -14.74 8.60 3.84
CA GLY A 156 -14.67 10.03 3.56
C GLY A 156 -15.46 10.82 4.61
N LYS A 157 -16.74 11.05 4.28
CA LYS A 157 -17.66 11.75 5.19
C LYS A 157 -18.79 10.83 5.63
N ILE A 158 -19.44 11.22 6.74
CA ILE A 158 -20.78 10.79 7.13
C ILE A 158 -21.62 12.06 7.34
N ALA A 172 -14.62 20.14 6.22
CA ALA A 172 -15.88 20.00 5.43
C ALA A 172 -15.78 18.85 4.42
N LEU A 173 -14.67 18.83 3.66
CA LEU A 173 -14.28 17.68 2.88
C LEU A 173 -13.29 16.80 3.68
N ILE A 174 -12.89 17.23 4.89
CA ILE A 174 -11.94 16.47 5.70
C ILE A 174 -12.73 15.64 6.71
N THR A 175 -12.36 14.38 6.86
CA THR A 175 -12.98 13.51 7.82
C THR A 175 -12.87 14.09 9.22
N SER A 176 -13.96 14.01 9.99
CA SER A 176 -13.98 14.42 11.38
C SER A 176 -13.41 13.31 12.26
N CYS A 177 -12.89 13.68 13.43
CA CYS A 177 -12.52 12.67 14.42
C CYS A 177 -13.66 11.75 14.73
N ASP A 178 -14.85 12.31 14.94
CA ASP A 178 -16.00 11.51 15.28
C ASP A 178 -16.23 10.47 14.17
N GLU A 179 -16.23 10.90 12.90
CA GLU A 179 -16.51 9.96 11.82
C GLU A 179 -15.44 8.85 11.82
N ALA A 180 -14.17 9.23 11.98
CA ALA A 180 -13.07 8.27 11.93
C ALA A 180 -13.22 7.28 13.07
N LEU A 181 -13.58 7.78 14.28
CA LEU A 181 -13.70 6.90 15.44
C LEU A 181 -14.86 5.94 15.27
N ARG A 182 -16.01 6.45 14.81
CA ARG A 182 -17.16 5.62 14.61
C ARG A 182 -16.86 4.53 13.57
N PHE A 183 -16.19 4.89 12.48
CA PHE A 183 -15.83 3.92 11.46
C PHE A 183 -14.87 2.87 12.01
N SER A 184 -13.82 3.33 12.70
CA SER A 184 -12.80 2.45 13.22
C SER A 184 -13.39 1.43 14.18
N GLU A 185 -14.24 1.92 15.10
CA GLU A 185 -14.88 1.08 16.10
C GLU A 185 -15.89 0.12 15.49
N GLY A 186 -16.61 0.55 14.48
CA GLY A 186 -17.62 -0.32 13.93
C GLY A 186 -17.03 -1.46 13.08
N THR A 187 -15.84 -1.25 12.56
CA THR A 187 -15.25 -2.21 11.59
C THR A 187 -14.13 -3.03 12.16
N ASP A 188 -13.44 -2.52 13.18
CA ASP A 188 -12.26 -3.16 13.73
C ASP A 188 -11.11 -3.30 12.72
N VAL A 189 -11.01 -2.38 11.74
CA VAL A 189 -9.89 -2.36 10.81
C VAL A 189 -8.61 -2.15 11.62
N ASP A 190 -7.51 -2.66 11.10
CA ASP A 190 -6.21 -2.45 11.71
C ASP A 190 -5.64 -1.07 11.36
N TYR A 191 -5.89 -0.62 10.14
CA TYR A 191 -5.36 0.63 9.64
C TYR A 191 -6.45 1.26 8.79
N LEU A 192 -6.47 2.61 8.73
CA LEU A 192 -7.56 3.22 7.99
CA LEU A 192 -7.59 3.36 8.19
C LEU A 192 -7.09 4.44 7.23
N ALA A 193 -7.71 4.55 6.05
CA ALA A 193 -7.58 5.72 5.20
C ALA A 193 -8.77 6.66 5.46
N VAL A 194 -8.47 7.97 5.50
CA VAL A 194 -9.52 8.96 5.66
C VAL A 194 -9.31 10.07 4.62
N SER A 195 -10.26 11.01 4.59
CA SER A 195 -10.12 12.17 3.71
C SER A 195 -9.28 13.22 4.45
N ILE A 196 -8.00 13.34 4.08
CA ILE A 196 -7.08 14.13 4.89
C ILE A 196 -6.43 15.27 4.09
N GLY A 197 -6.92 15.49 2.87
CA GLY A 197 -6.41 16.59 2.08
C GLY A 197 -5.78 16.18 0.76
N THR A 198 -5.67 14.89 0.47
CA THR A 198 -5.24 14.47 -0.87
C THR A 198 -6.47 14.26 -1.78
N ALA A 199 -6.22 13.85 -3.03
CA ALA A 199 -7.25 13.35 -3.93
C ALA A 199 -6.75 12.12 -4.66
N HIS A 200 -7.66 11.20 -4.99
CA HIS A 200 -7.31 9.97 -5.70
C HIS A 200 -7.20 10.27 -7.20
N PRO A 207 -4.11 19.85 -3.20
CA PRO A 207 -3.59 18.99 -2.13
C PRO A 207 -2.79 19.74 -1.06
N LYS A 208 -3.37 19.86 0.15
CA LYS A 208 -2.67 20.29 1.37
C LYS A 208 -3.14 19.40 2.53
N LEU A 209 -2.19 18.73 3.21
CA LEU A 209 -2.61 17.77 4.22
C LEU A 209 -3.12 18.46 5.49
N ALA A 210 -4.14 17.84 6.08
CA ALA A 210 -4.77 18.33 7.28
C ALA A 210 -4.04 17.82 8.50
N PHE A 211 -2.90 18.43 8.80
CA PHE A 211 -2.01 17.91 9.80
C PHE A 211 -2.65 17.91 11.18
N GLY A 212 -3.37 18.99 11.52
CA GLY A 212 -4.00 19.06 12.82
C GLY A 212 -4.98 17.92 13.04
N ARG A 213 -5.80 17.69 12.00
CA ARG A 213 -6.78 16.62 12.01
C ARG A 213 -6.11 15.25 12.19
N LEU A 214 -5.02 15.07 11.51
CA LEU A 214 -4.29 13.81 11.60
C LEU A 214 -3.80 13.62 13.02
N GLN A 215 -3.28 14.71 13.62
CA GLN A 215 -2.83 14.63 15.01
C GLN A 215 -3.97 14.24 15.94
N GLU A 216 -5.12 14.86 15.75
CA GLU A 216 -6.27 14.57 16.57
C GLU A 216 -6.73 13.13 16.40
N ILE A 217 -6.62 12.63 15.16
CA ILE A 217 -7.01 11.26 14.86
C ILE A 217 -6.09 10.27 15.57
N ARG A 218 -4.78 10.52 15.66
CA ARG A 218 -3.86 9.62 16.36
C ARG A 218 -4.28 9.46 17.82
N GLU A 219 -4.61 10.59 18.50
CA GLU A 219 -4.95 10.57 19.91
C GLU A 219 -6.33 9.94 20.13
N ILE A 220 -7.29 10.14 19.26
CA ILE A 220 -8.64 9.65 19.53
C ILE A 220 -8.88 8.25 18.97
N VAL A 221 -8.46 8.03 17.74
CA VAL A 221 -8.68 6.74 17.09
C VAL A 221 -7.61 5.71 17.49
N LYS A 222 -6.35 6.13 17.67
CA LYS A 222 -5.27 5.26 18.17
C LYS A 222 -5.03 4.05 17.27
N LYS A 223 -5.06 4.30 15.97
CA LYS A 223 -4.68 3.33 14.94
C LYS A 223 -3.87 4.02 13.89
N PRO A 224 -3.02 3.25 13.17
CA PRO A 224 -2.28 3.76 12.05
C PRO A 224 -3.18 4.22 10.93
N ILE A 225 -2.75 5.31 10.29
CA ILE A 225 -3.39 5.89 9.11
C ILE A 225 -2.66 5.53 7.82
N VAL A 226 -3.45 5.28 6.75
CA VAL A 226 -2.97 5.02 5.43
C VAL A 226 -3.21 6.24 4.56
N LEU A 227 -2.16 6.70 3.90
CA LEU A 227 -2.31 7.76 2.90
C LEU A 227 -2.48 7.21 1.49
N HIS A 228 -3.58 7.72 0.87
CA HIS A 228 -3.89 7.53 -0.55
CA HIS A 228 -3.89 7.54 -0.54
C HIS A 228 -3.67 8.86 -1.29
N GLY A 229 -3.18 8.78 -2.53
CA GLY A 229 -2.96 9.98 -3.36
C GLY A 229 -1.78 10.83 -2.91
N GLY A 230 -0.81 10.21 -2.26
CA GLY A 230 0.31 10.93 -1.70
C GLY A 230 1.35 11.38 -2.74
N SER A 231 1.27 10.90 -3.98
CA SER A 231 2.25 11.27 -4.98
C SER A 231 2.09 12.75 -5.37
N GLY A 232 0.86 13.27 -5.31
CA GLY A 232 0.57 14.68 -5.51
C GLY A 232 0.86 15.55 -4.28
N VAL A 233 1.75 15.09 -3.38
CA VAL A 233 2.11 15.90 -2.22
C VAL A 233 3.63 15.94 -2.07
N PRO A 234 4.20 17.11 -1.77
CA PRO A 234 5.64 17.23 -1.52
C PRO A 234 6.20 16.32 -0.43
N ASP A 235 7.49 16.00 -0.55
CA ASP A 235 8.22 15.16 0.39
C ASP A 235 8.13 15.67 1.82
N ASP A 236 8.28 16.99 2.04
CA ASP A 236 8.33 17.52 3.39
C ASP A 236 7.01 17.22 4.11
N GLN A 237 5.91 17.28 3.37
CA GLN A 237 4.57 17.06 3.89
C GLN A 237 4.40 15.57 4.23
N ILE A 238 4.97 14.70 3.38
CA ILE A 238 4.92 13.27 3.62
C ILE A 238 5.61 12.96 4.92
N ARG A 239 6.82 13.50 5.11
CA ARG A 239 7.57 13.25 6.34
C ARG A 239 6.78 13.66 7.59
N GLN A 240 6.06 14.79 7.51
CA GLN A 240 5.32 15.25 8.68
C GLN A 240 4.08 14.38 8.93
N ALA A 241 3.41 13.91 7.86
CA ALA A 241 2.27 13.03 8.03
C ALA A 241 2.68 11.75 8.75
N ILE A 242 3.88 11.23 8.39
CA ILE A 242 4.36 10.00 9.02
C ILE A 242 4.66 10.23 10.51
N ALA A 243 5.32 11.37 10.84
CA ALA A 243 5.54 11.75 12.22
C ALA A 243 4.24 11.81 13.03
N LEU A 244 3.11 12.11 12.37
CA LEU A 244 1.83 12.25 13.06
C LEU A 244 0.95 10.98 13.04
N GLY A 245 1.45 9.89 12.43
CA GLY A 245 0.72 8.62 12.53
C GLY A 245 0.44 7.90 11.21
N VAL A 246 0.76 8.48 10.07
CA VAL A 246 0.66 7.77 8.81
C VAL A 246 1.74 6.69 8.80
N ALA A 247 1.30 5.41 8.66
CA ALA A 247 2.20 4.29 8.74
C ALA A 247 2.20 3.44 7.45
N LYS A 248 1.40 3.80 6.47
CA LYS A 248 1.37 3.14 5.17
C LYS A 248 1.12 4.19 4.11
N VAL A 249 1.98 4.27 3.11
CA VAL A 249 1.84 5.22 2.03
C VAL A 249 1.81 4.48 0.70
N ASN A 250 0.68 4.63 0.02
CA ASN A 250 0.46 4.02 -1.27
C ASN A 250 1.23 4.75 -2.37
N VAL A 251 1.93 3.96 -3.22
CA VAL A 251 2.69 4.46 -4.37
C VAL A 251 2.37 3.61 -5.59
N ASP A 252 1.87 4.23 -6.65
CA ASP A 252 1.56 3.55 -7.90
C ASP A 252 2.05 4.40 -9.10
N THR A 253 1.42 5.54 -9.35
CA THR A 253 1.67 6.27 -10.60
C THR A 253 3.12 6.67 -10.75
N GLU A 254 3.73 7.07 -9.64
CA GLU A 254 5.10 7.54 -9.62
C GLU A 254 6.06 6.43 -10.06
N LEU A 255 5.72 5.18 -9.73
CA LEU A 255 6.53 4.03 -10.14
C LEU A 255 6.33 3.77 -11.63
N ARG A 256 5.08 3.85 -12.10
CA ARG A 256 4.87 3.58 -13.50
C ARG A 256 5.52 4.70 -14.34
N GLN A 257 5.50 5.93 -13.86
CA GLN A 257 6.16 7.05 -14.53
C GLN A 257 7.67 6.80 -14.62
N ALA A 258 8.29 6.34 -13.54
CA ALA A 258 9.71 6.02 -13.54
C ALA A 258 10.02 4.85 -14.48
N PHE A 259 9.13 3.85 -14.50
CA PHE A 259 9.33 2.70 -15.39
C PHE A 259 9.28 3.16 -16.85
N THR A 260 8.25 3.95 -17.18
CA THR A 260 8.02 4.37 -18.54
C THR A 260 9.17 5.26 -19.03
N GLN A 261 9.71 6.06 -18.11
CA GLN A 261 10.79 6.98 -18.44
C GLN A 261 12.04 6.17 -18.80
N GLY A 262 12.33 5.10 -18.04
CA GLY A 262 13.41 4.19 -18.41
C GLY A 262 13.22 3.60 -19.81
N LEU A 263 11.99 3.19 -20.13
CA LEU A 263 11.68 2.55 -21.40
C LEU A 263 11.93 3.48 -22.58
N CYS A 264 11.28 4.66 -22.51
CA CYS A 264 11.41 5.72 -23.50
C CYS A 264 12.87 6.08 -23.76
N GLU A 265 13.65 6.23 -22.69
CA GLU A 265 15.05 6.63 -22.78
C GLU A 265 15.83 5.64 -23.65
N VAL A 266 15.69 4.33 -23.39
CA VAL A 266 16.33 3.33 -24.23
C VAL A 266 15.80 3.39 -25.65
N LEU A 267 14.47 3.41 -25.80
CA LEU A 267 13.85 3.31 -27.11
C LEU A 267 13.93 4.62 -27.91
N THR A 268 14.05 5.75 -27.20
CA THR A 268 14.28 7.05 -27.84
C THR A 268 15.66 7.01 -28.51
N ASN A 269 16.67 6.55 -27.75
CA ASN A 269 18.03 6.42 -28.25
C ASN A 269 18.07 5.46 -29.44
N ASP A 270 17.40 4.31 -29.31
CA ASP A 270 17.59 3.20 -30.23
C ASP A 270 16.27 2.45 -30.35
N PRO A 271 15.40 2.80 -31.34
CA PRO A 271 14.12 2.10 -31.54
C PRO A 271 14.24 0.64 -31.99
N GLU A 272 15.46 0.22 -32.40
CA GLU A 272 15.74 -1.13 -32.89
C GLU A 272 16.40 -1.95 -31.78
N GLU A 273 16.39 -1.45 -30.54
CA GLU A 273 16.80 -2.23 -29.37
C GLU A 273 15.67 -3.20 -29.02
N TYR A 274 15.87 -4.48 -29.39
CA TYR A 274 14.80 -5.46 -29.28
C TYR A 274 15.02 -6.36 -28.07
N ALA A 275 16.09 -6.15 -27.29
CA ALA A 275 16.29 -6.95 -26.09
C ALA A 275 15.42 -6.35 -24.99
N LEU A 276 14.40 -7.12 -24.55
CA LEU A 276 13.54 -6.68 -23.45
C LEU A 276 14.37 -6.59 -22.16
N ALA A 277 15.47 -7.35 -22.11
CA ALA A 277 16.41 -7.27 -21.00
C ALA A 277 16.97 -5.85 -20.87
N VAL A 278 17.06 -5.15 -22.01
CA VAL A 278 17.71 -3.84 -22.04
C VAL A 278 16.65 -2.75 -21.87
N SER A 279 15.59 -2.85 -22.65
CA SER A 279 14.56 -1.83 -22.63
C SER A 279 13.74 -1.89 -21.34
N LEU A 280 13.01 -3.00 -21.15
CA LEU A 280 12.24 -3.19 -19.91
C LEU A 280 13.17 -3.29 -18.70
N GLY A 281 14.40 -3.78 -18.90
CA GLY A 281 15.40 -3.84 -17.84
C GLY A 281 15.74 -2.46 -17.27
N HIS A 282 15.95 -1.50 -18.19
CA HIS A 282 16.31 -0.13 -17.79
C HIS A 282 15.12 0.51 -17.06
N GLY A 283 13.90 0.27 -17.57
CA GLY A 283 12.68 0.64 -16.87
C GLY A 283 12.69 0.11 -15.44
N ARG A 284 13.04 -1.17 -15.32
CA ARG A 284 13.09 -1.75 -14.00
C ARG A 284 14.09 -1.06 -13.09
N ASP A 285 15.30 -0.76 -13.61
CA ASP A 285 16.33 -0.09 -12.84
C ASP A 285 15.89 1.31 -12.42
N VAL A 286 15.20 2.01 -13.31
CA VAL A 286 14.81 3.37 -13.00
C VAL A 286 13.68 3.30 -11.97
N MET A 287 12.77 2.33 -12.10
CA MET A 287 11.74 2.10 -11.08
C MET A 287 12.31 1.64 -9.73
N LYS A 288 13.30 0.74 -9.73
CA LYS A 288 13.96 0.37 -8.51
C LYS A 288 14.52 1.57 -7.77
N GLU A 289 15.15 2.50 -8.51
CA GLU A 289 15.71 3.67 -7.86
C GLU A 289 14.59 4.50 -7.22
N LYS A 290 13.44 4.64 -7.89
CA LYS A 290 12.28 5.35 -7.35
C LYS A 290 11.80 4.69 -6.06
N VAL A 291 11.74 3.35 -6.06
CA VAL A 291 11.31 2.67 -4.86
C VAL A 291 12.29 2.96 -3.74
N ILE A 292 13.59 2.98 -4.06
CA ILE A 292 14.59 3.21 -3.03
C ILE A 292 14.37 4.59 -2.42
N GLU A 293 14.14 5.56 -3.28
CA GLU A 293 13.90 6.94 -2.90
C GLU A 293 12.69 7.01 -1.96
N LYS A 294 11.59 6.28 -2.29
CA LYS A 294 10.41 6.27 -1.43
C LYS A 294 10.68 5.60 -0.08
N ILE A 295 11.37 4.46 -0.07
CA ILE A 295 11.74 3.78 1.16
C ILE A 295 12.47 4.75 2.10
N ARG A 296 13.36 5.55 1.51
CA ARG A 296 14.14 6.46 2.35
C ARG A 296 13.27 7.60 2.87
N LEU A 297 12.40 8.12 2.02
CA LEU A 297 11.43 9.13 2.42
C LEU A 297 10.61 8.62 3.59
N PHE A 298 10.13 7.37 3.51
CA PHE A 298 9.21 6.81 4.48
C PHE A 298 9.91 6.43 5.77
N GLY A 299 11.25 6.25 5.70
CA GLY A 299 12.07 5.94 6.87
C GLY A 299 12.19 4.45 7.21
N SER A 300 11.85 3.55 6.27
CA SER A 300 11.84 2.11 6.54
C SER A 300 13.18 1.42 6.19
N ASN A 301 14.09 2.14 5.52
CA ASN A 301 15.43 1.60 5.26
C ASN A 301 16.08 1.17 6.58
N GLY A 302 16.69 -0.01 6.63
CA GLY A 302 17.35 -0.50 7.83
C GLY A 302 16.44 -1.18 8.87
N LYS A 303 15.11 -1.12 8.68
CA LYS A 303 14.19 -1.59 9.71
C LYS A 303 13.92 -3.10 9.67
N ALA A 304 14.46 -3.84 8.68
CA ALA A 304 14.19 -5.28 8.61
C ALA A 304 14.75 -6.07 9.80
N LEU A 305 15.88 -5.62 10.37
CA LEU A 305 16.43 -6.17 11.61
C LEU A 305 15.40 -6.17 12.74
N GLN A 306 14.52 -5.14 12.78
CA GLN A 306 13.55 -4.96 13.86
C GLN A 306 12.50 -6.07 13.86
N PHE A 307 12.43 -6.88 12.80
CA PHE A 307 11.44 -7.95 12.71
C PHE A 307 12.12 -9.30 13.01
#